data_4JST
#
_entry.id   4JST
#
_cell.length_a   45.306
_cell.length_b   66.781
_cell.length_c   119.546
_cell.angle_alpha   90.00
_cell.angle_beta   90.00
_cell.angle_gamma   90.00
#
_symmetry.space_group_name_H-M   'P 21 21 21'
#
loop_
_entity.id
_entity.type
_entity.pdbx_description
1 polymer Metallophosphoesterase
2 non-polymer 'MAGNESIUM ION'
3 non-polymer "URIDINE 5'-TRIPHOSPHATE"
4 non-polymer 'SODIUM ION'
5 water water
#
_entity_poly.entity_id   1
_entity_poly.type   'polypeptide(L)'
_entity_poly.pdbx_seq_one_letter_code
;S(MSE)KLTIPELSLVVLIGSSGSGKSTFAKKHFKPTEVISSDFCRGL(MSE)SDDENDQTVTGAAFDVLHYIVSKRLQL
GKLTVVDATNVQESARKPLIEIAKDYHCFPVAVVFNLPEKVCQERNKNRTDRQVEEYVIRKHTQQ(MSE)KKSIKGLQRE
GFRYVYILNSPEEVEEVVFERQP
;
_entity_poly.pdbx_strand_id   A,B
#
# COMPACT_ATOMS: atom_id res chain seq x y z
N SER A 1 -3.60 -15.07 7.07
CA SER A 1 -2.94 -14.90 5.78
C SER A 1 -2.75 -13.42 5.45
N LYS A 3 -4.02 -10.98 2.91
CA LYS A 3 -5.03 -10.81 1.87
C LYS A 3 -4.75 -9.56 1.02
N LEU A 4 -4.56 -9.78 -0.28
CA LEU A 4 -4.37 -8.69 -1.23
C LEU A 4 -5.58 -8.55 -2.14
N THR A 5 -6.23 -7.42 -2.09
CA THR A 5 -7.43 -7.22 -2.89
C THR A 5 -7.05 -6.66 -4.25
N ILE A 6 -7.53 -7.29 -5.31
CA ILE A 6 -7.38 -6.70 -6.64
C ILE A 6 -8.71 -6.74 -7.36
N PRO A 7 -9.00 -5.70 -8.11
CA PRO A 7 -10.24 -5.69 -8.91
C PRO A 7 -10.15 -6.70 -10.05
N GLU A 8 -11.30 -7.13 -10.55
CA GLU A 8 -11.36 -8.10 -11.63
C GLU A 8 -10.61 -7.60 -12.86
N LEU A 9 -10.70 -6.29 -13.10
CA LEU A 9 -9.98 -5.63 -14.18
C LEU A 9 -8.68 -5.05 -13.68
N SER A 10 -7.66 -5.88 -13.52
CA SER A 10 -6.38 -5.37 -13.01
C SER A 10 -5.26 -5.61 -14.00
N LEU A 11 -4.30 -4.72 -13.98
CA LEU A 11 -2.99 -5.02 -14.51
C LEU A 11 -2.09 -5.21 -13.32
N VAL A 12 -1.74 -6.46 -13.07
CA VAL A 12 -0.95 -6.77 -11.88
C VAL A 12 0.51 -6.73 -12.26
N VAL A 13 1.21 -5.74 -11.73
CA VAL A 13 2.62 -5.60 -12.09
C VAL A 13 3.49 -6.18 -11.01
N LEU A 14 4.19 -7.27 -11.31
CA LEU A 14 5.11 -7.86 -10.36
C LEU A 14 6.42 -7.09 -10.38
N ILE A 15 6.96 -6.80 -9.21
CA ILE A 15 8.16 -5.98 -9.13
C ILE A 15 9.15 -6.69 -8.24
N GLY A 16 10.25 -7.13 -8.82
CA GLY A 16 11.21 -7.90 -8.05
C GLY A 16 12.45 -8.24 -8.83
N SER A 17 13.55 -8.33 -8.11
CA SER A 17 14.81 -8.75 -8.68
C SER A 17 14.70 -10.09 -9.38
N SER A 18 15.61 -10.35 -10.31
CA SER A 18 15.82 -11.71 -10.77
C SER A 18 15.97 -12.61 -9.53
N GLY A 19 15.28 -13.73 -9.52
CA GLY A 19 15.44 -14.66 -8.42
C GLY A 19 14.48 -14.41 -7.26
N SER A 20 13.68 -13.34 -7.34
CA SER A 20 12.82 -12.97 -6.22
C SER A 20 11.54 -13.79 -6.17
N GLY A 21 11.35 -14.67 -7.15
CA GLY A 21 10.23 -15.59 -7.14
C GLY A 21 8.98 -15.11 -7.89
N LYS A 22 9.15 -14.12 -8.77
CA LYS A 22 8.00 -13.55 -9.48
C LYS A 22 7.24 -14.59 -10.28
N SER A 23 7.95 -15.37 -11.10
CA SER A 23 7.28 -16.34 -11.96
C SER A 23 6.66 -17.48 -11.16
N THR A 24 7.37 -17.91 -10.12
CA THR A 24 6.87 -18.90 -9.17
C THR A 24 5.55 -18.39 -8.57
N PHE A 25 5.60 -17.16 -8.09
CA PHE A 25 4.42 -16.53 -7.48
C PHE A 25 3.29 -16.42 -8.50
N ALA A 26 3.64 -16.03 -9.73
CA ALA A 26 2.63 -15.85 -10.78
C ALA A 26 1.92 -17.16 -11.09
N LYS A 27 2.70 -18.22 -11.17
CA LYS A 27 2.20 -19.57 -11.45
C LYS A 27 1.27 -20.08 -10.34
N LYS A 28 1.65 -19.82 -9.09
CA LYS A 28 0.80 -20.17 -7.94
C LYS A 28 -0.55 -19.45 -7.92
N HIS A 29 -0.52 -18.14 -8.21
CA HIS A 29 -1.69 -17.31 -7.94
C HIS A 29 -2.55 -16.97 -9.14
N PHE A 30 -2.06 -17.25 -10.33
CA PHE A 30 -2.77 -16.84 -11.55
C PHE A 30 -2.81 -17.94 -12.62
N LYS A 31 -3.77 -17.83 -13.53
CA LYS A 31 -3.86 -18.73 -14.66
C LYS A 31 -2.74 -18.40 -15.63
N PRO A 32 -2.26 -19.42 -16.36
CA PRO A 32 -1.11 -19.22 -17.23
C PRO A 32 -1.34 -18.13 -18.28
N THR A 33 -2.55 -18.07 -18.84
CA THR A 33 -2.82 -17.09 -19.89
C THR A 33 -2.97 -15.69 -19.31
N GLU A 34 -3.17 -15.60 -17.99
CA GLU A 34 -3.22 -14.29 -17.34
C GLU A 34 -1.82 -13.72 -17.17
N VAL A 35 -0.81 -14.60 -17.25
CA VAL A 35 0.56 -14.16 -17.04
C VAL A 35 1.33 -13.92 -18.33
N ILE A 36 1.87 -12.72 -18.50
CA ILE A 36 2.71 -12.43 -19.65
C ILE A 36 4.08 -12.11 -19.12
N SER A 37 5.07 -12.94 -19.46
CA SER A 37 6.41 -12.71 -18.95
C SER A 37 7.33 -12.14 -20.02
N SER A 38 8.33 -11.40 -19.59
CA SER A 38 9.28 -10.83 -20.54
C SER A 38 10.05 -11.98 -21.21
N ASP A 39 10.26 -13.06 -20.46
CA ASP A 39 11.00 -14.21 -20.96
CA ASP A 39 10.99 -14.21 -20.98
C ASP A 39 10.22 -14.92 -22.07
N PHE A 40 8.92 -15.07 -21.88
CA PHE A 40 8.11 -15.62 -22.95
C PHE A 40 8.20 -14.77 -24.24
N CYS A 41 8.09 -13.46 -24.10
CA CYS A 41 8.10 -12.57 -25.27
C CYS A 41 9.45 -12.61 -25.96
N ARG A 42 10.51 -12.65 -25.17
CA ARG A 42 11.86 -12.77 -25.72
C ARG A 42 11.97 -14.08 -26.51
N GLY A 43 11.38 -15.15 -25.97
CA GLY A 43 11.41 -16.46 -26.60
C GLY A 43 10.68 -16.50 -27.94
N LEU A 44 9.78 -15.56 -28.17
CA LEU A 44 9.07 -15.47 -29.45
C LEU A 44 10.01 -14.90 -30.52
N SER A 46 13.56 -15.20 -30.20
CA SER A 46 14.82 -15.93 -30.27
C SER A 46 14.81 -17.25 -29.52
N ASP A 47 15.60 -18.20 -30.03
CA ASP A 47 15.74 -19.52 -29.42
C ASP A 47 16.67 -19.49 -28.24
N ASP A 48 17.59 -18.53 -28.25
CA ASP A 48 18.60 -18.44 -27.20
C ASP A 48 18.01 -17.86 -25.91
N GLU A 49 18.21 -18.58 -24.81
CA GLU A 49 17.61 -18.16 -23.53
C GLU A 49 18.19 -16.86 -23.02
N ASN A 50 17.30 -15.99 -22.54
CA ASN A 50 17.69 -14.64 -22.14
C ASN A 50 18.54 -13.95 -23.22
N ASP A 51 18.19 -14.17 -24.49
CA ASP A 51 18.86 -13.50 -25.61
C ASP A 51 18.75 -12.00 -25.40
N GLN A 52 19.87 -11.36 -25.11
CA GLN A 52 19.86 -9.94 -24.78
C GLN A 52 19.89 -9.08 -26.04
N THR A 53 19.90 -9.71 -27.21
CA THR A 53 19.98 -8.92 -28.44
C THR A 53 18.60 -8.51 -28.99
N VAL A 54 17.54 -9.07 -28.41
CA VAL A 54 16.17 -8.83 -28.87
C VAL A 54 15.29 -8.21 -27.77
N THR A 55 15.93 -7.56 -26.80
CA THR A 55 15.23 -7.06 -25.62
C THR A 55 14.15 -6.03 -25.94
N GLY A 56 14.49 -5.06 -26.77
CA GLY A 56 13.54 -4.03 -27.16
C GLY A 56 12.34 -4.64 -27.86
N ALA A 57 12.57 -5.56 -28.78
CA ALA A 57 11.46 -6.23 -29.45
C ALA A 57 10.61 -7.02 -28.45
N ALA A 58 11.26 -7.72 -27.54
CA ALA A 58 10.58 -8.50 -26.53
C ALA A 58 9.65 -7.64 -25.65
N PHE A 59 10.13 -6.49 -25.19
CA PHE A 59 9.27 -5.60 -24.42
C PHE A 59 8.17 -4.94 -25.25
N ASP A 60 8.43 -4.69 -26.53
CA ASP A 60 7.38 -4.18 -27.44
C ASP A 60 6.27 -5.19 -27.53
N VAL A 61 6.65 -6.45 -27.73
CA VAL A 61 5.69 -7.53 -27.81
C VAL A 61 4.91 -7.67 -26.51
N LEU A 62 5.61 -7.51 -25.39
CA LEU A 62 4.97 -7.62 -24.10
C LEU A 62 3.92 -6.54 -23.98
N HIS A 63 4.30 -5.31 -24.28
CA HIS A 63 3.37 -4.20 -24.20
C HIS A 63 2.19 -4.39 -25.12
N TYR A 64 2.45 -4.88 -26.33
CA TYR A 64 1.38 -5.09 -27.27
C TYR A 64 0.42 -6.15 -26.76
N ILE A 65 0.96 -7.28 -26.32
CA ILE A 65 0.11 -8.38 -25.84
C ILE A 65 -0.71 -7.95 -24.63
N VAL A 66 -0.05 -7.25 -23.71
CA VAL A 66 -0.70 -6.76 -22.50
C VAL A 66 -1.83 -5.81 -22.88
N SER A 67 -1.55 -4.91 -23.83
CA SER A 67 -2.55 -3.92 -24.25
C SER A 67 -3.76 -4.62 -24.87
N LYS A 68 -3.51 -5.62 -25.72
CA LYS A 68 -4.61 -6.37 -26.35
C LYS A 68 -5.45 -7.13 -25.32
N ARG A 69 -4.79 -7.73 -24.33
CA ARG A 69 -5.54 -8.39 -23.26
C ARG A 69 -6.42 -7.41 -22.46
N LEU A 70 -5.84 -6.30 -22.05
CA LEU A 70 -6.60 -5.34 -21.25
C LEU A 70 -7.75 -4.80 -22.09
N GLN A 71 -7.53 -4.68 -23.39
CA GLN A 71 -8.54 -4.22 -24.32
C GLN A 71 -9.74 -5.15 -24.26
N LEU A 72 -9.46 -6.45 -24.12
CA LEU A 72 -10.52 -7.43 -24.02
C LEU A 72 -11.03 -7.48 -22.60
N GLY A 73 -10.55 -6.55 -21.77
CA GLY A 73 -10.96 -6.49 -20.38
C GLY A 73 -10.53 -7.71 -19.60
N LYS A 74 -9.33 -8.22 -19.90
CA LYS A 74 -8.89 -9.41 -19.23
C LYS A 74 -7.73 -9.16 -18.27
N LEU A 75 -7.89 -9.60 -17.03
CA LEU A 75 -6.86 -9.42 -16.01
C LEU A 75 -5.52 -9.94 -16.52
N THR A 76 -4.49 -9.13 -16.33
CA THR A 76 -3.19 -9.52 -16.86
C THR A 76 -2.14 -9.27 -15.79
N VAL A 77 -1.19 -10.19 -15.71
CA VAL A 77 -0.08 -10.06 -14.80
C VAL A 77 1.15 -9.91 -15.65
N VAL A 78 1.91 -8.86 -15.36
CA VAL A 78 3.17 -8.62 -16.03
C VAL A 78 4.26 -9.21 -15.19
N ASP A 79 4.87 -10.27 -15.74
CA ASP A 79 5.93 -10.99 -15.05
C ASP A 79 7.26 -10.58 -15.65
N ALA A 80 7.76 -9.46 -15.18
CA ALA A 80 9.07 -8.96 -15.58
C ALA A 80 9.65 -8.32 -14.33
N THR A 81 10.91 -7.91 -14.38
CA THR A 81 11.55 -7.29 -13.21
C THR A 81 10.85 -6.04 -12.73
N ASN A 82 10.53 -5.15 -13.67
CA ASN A 82 9.76 -3.94 -13.39
C ASN A 82 10.33 -3.11 -12.26
N VAL A 83 11.64 -3.18 -12.08
CA VAL A 83 12.30 -2.43 -11.03
C VAL A 83 12.69 -1.05 -11.48
N GLN A 84 12.57 -0.81 -12.79
CA GLN A 84 12.82 0.51 -13.33
C GLN A 84 11.52 1.25 -13.61
N GLU A 85 11.51 2.54 -13.31
CA GLU A 85 10.31 3.33 -13.50
C GLU A 85 9.97 3.36 -14.98
N SER A 86 11.01 3.36 -15.81
CA SER A 86 10.81 3.43 -17.25
C SER A 86 10.13 2.15 -17.77
N ALA A 87 10.27 1.06 -17.04
CA ALA A 87 9.56 -0.17 -17.37
C ALA A 87 8.13 -0.16 -16.83
N ARG A 88 7.92 0.49 -15.68
CA ARG A 88 6.60 0.50 -15.04
C ARG A 88 5.65 1.49 -15.67
N LYS A 89 6.16 2.67 -15.96
CA LYS A 89 5.34 3.75 -16.52
C LYS A 89 4.51 3.34 -17.72
N PRO A 90 5.11 2.64 -18.71
CA PRO A 90 4.22 2.33 -19.84
C PRO A 90 3.12 1.34 -19.45
N LEU A 91 3.36 0.50 -18.46
CA LEU A 91 2.32 -0.42 -17.98
C LEU A 91 1.21 0.36 -17.29
N ILE A 92 1.57 1.40 -16.54
CA ILE A 92 0.59 2.26 -15.91
C ILE A 92 -0.24 2.96 -16.98
N GLU A 93 0.45 3.47 -18.00
CA GLU A 93 -0.25 4.22 -19.05
C GLU A 93 -1.14 3.29 -19.87
N ILE A 94 -0.68 2.06 -20.06
CA ILE A 94 -1.47 1.06 -20.79
C ILE A 94 -2.73 0.77 -19.99
N ALA A 95 -2.55 0.59 -18.68
CA ALA A 95 -3.67 0.31 -17.80
C ALA A 95 -4.68 1.44 -17.83
N LYS A 96 -4.20 2.67 -17.65
CA LYS A 96 -5.09 3.82 -17.66
CA LYS A 96 -5.06 3.85 -17.69
C LYS A 96 -5.89 3.93 -18.97
N ASP A 97 -5.22 3.70 -20.10
CA ASP A 97 -5.87 3.75 -21.40
C ASP A 97 -7.01 2.74 -21.60
N TYR A 98 -6.86 1.58 -21.00
CA TYR A 98 -7.88 0.55 -21.13
C TYR A 98 -8.71 0.51 -19.86
N HIS A 99 -8.65 1.60 -19.10
CA HIS A 99 -9.52 1.81 -17.93
C HIS A 99 -9.41 0.66 -16.94
N CYS A 100 -8.16 0.25 -16.71
CA CYS A 100 -7.87 -0.84 -15.77
CA CYS A 100 -7.81 -0.85 -15.83
C CYS A 100 -7.07 -0.32 -14.60
N PHE A 101 -7.21 -0.99 -13.47
CA PHE A 101 -6.49 -0.61 -12.26
C PHE A 101 -5.09 -1.22 -12.24
N PRO A 102 -4.04 -0.39 -12.23
CA PRO A 102 -2.71 -0.97 -12.08
C PRO A 102 -2.44 -1.29 -10.61
N VAL A 103 -1.97 -2.50 -10.37
CA VAL A 103 -1.66 -2.96 -9.02
C VAL A 103 -0.20 -3.37 -8.95
N ALA A 104 0.49 -2.87 -7.93
CA ALA A 104 1.89 -3.22 -7.71
C ALA A 104 2.03 -4.29 -6.63
N VAL A 105 2.70 -5.38 -6.98
CA VAL A 105 3.08 -6.40 -5.99
C VAL A 105 4.59 -6.49 -5.95
N VAL A 106 5.15 -6.04 -4.84
CA VAL A 106 6.58 -5.84 -4.76
C VAL A 106 7.21 -6.96 -3.92
N PHE A 107 8.19 -7.62 -4.51
CA PHE A 107 8.95 -8.65 -3.83
C PHE A 107 10.14 -8.00 -3.14
N ASN A 108 9.84 -7.36 -2.01
CA ASN A 108 10.83 -6.67 -1.22
C ASN A 108 11.57 -7.66 -0.33
N LEU A 109 12.25 -8.60 -0.98
CA LEU A 109 13.02 -9.62 -0.30
C LEU A 109 14.46 -9.16 -0.20
N PRO A 110 15.17 -9.59 0.85
CA PRO A 110 16.58 -9.25 0.93
C PRO A 110 17.34 -9.83 -0.28
N GLU A 111 18.35 -9.09 -0.72
CA GLU A 111 19.18 -9.47 -1.84
C GLU A 111 19.68 -10.90 -1.73
N LYS A 112 20.18 -11.26 -0.56
CA LYS A 112 20.77 -12.58 -0.37
C LYS A 112 19.77 -13.72 -0.62
N VAL A 113 18.49 -13.46 -0.35
CA VAL A 113 17.47 -14.45 -0.66
C VAL A 113 17.44 -14.73 -2.15
N CYS A 114 17.42 -13.66 -2.95
CA CYS A 114 17.44 -13.77 -4.41
C CYS A 114 18.73 -14.41 -4.93
N GLN A 115 19.86 -13.99 -4.36
CA GLN A 115 21.14 -14.55 -4.74
C GLN A 115 21.15 -16.05 -4.55
N GLU A 116 20.65 -16.51 -3.40
CA GLU A 116 20.64 -17.93 -3.12
C GLU A 116 19.79 -18.69 -4.12
N ARG A 117 18.58 -18.19 -4.35
CA ARG A 117 17.69 -18.84 -5.30
C ARG A 117 18.32 -18.87 -6.68
N ASN A 118 19.01 -17.79 -7.03
CA ASN A 118 19.64 -17.68 -8.34
C ASN A 118 20.56 -18.86 -8.61
N LYS A 119 21.38 -19.20 -7.62
CA LYS A 119 22.42 -20.23 -7.79
C LYS A 119 21.86 -21.63 -7.91
N ASN A 120 20.63 -21.83 -7.44
CA ASN A 120 19.99 -23.13 -7.55
C ASN A 120 19.13 -23.30 -8.78
N ARG A 121 19.00 -22.23 -9.55
CA ARG A 121 18.21 -22.30 -10.78
C ARG A 121 18.79 -23.24 -11.81
N THR A 122 17.94 -24.05 -12.39
CA THR A 122 18.35 -24.91 -13.48
C THR A 122 18.06 -24.21 -14.78
N ASP A 123 16.99 -23.43 -14.77
CA ASP A 123 16.53 -22.75 -15.97
C ASP A 123 17.58 -21.79 -16.50
N ARG A 124 17.78 -20.68 -15.80
CA ARG A 124 18.82 -19.74 -16.18
C ARG A 124 19.29 -19.03 -14.92
N GLN A 125 20.45 -18.41 -14.99
CA GLN A 125 20.99 -17.67 -13.86
C GLN A 125 21.58 -16.37 -14.34
N VAL A 126 21.65 -15.38 -13.45
CA VAL A 126 22.29 -14.13 -13.78
C VAL A 126 23.50 -13.96 -12.88
N GLU A 127 24.38 -13.04 -13.24
CA GLU A 127 25.51 -12.73 -12.37
C GLU A 127 25.04 -11.96 -11.13
N GLU A 128 25.81 -12.07 -10.07
CA GLU A 128 25.45 -11.49 -8.78
C GLU A 128 25.17 -9.99 -8.86
N TYR A 129 25.92 -9.29 -9.69
CA TYR A 129 25.75 -7.84 -9.80
C TYR A 129 24.37 -7.46 -10.33
N VAL A 130 23.80 -8.32 -11.17
CA VAL A 130 22.47 -8.05 -11.71
C VAL A 130 21.43 -8.01 -10.59
N ILE A 131 21.52 -8.99 -9.70
CA ILE A 131 20.58 -9.09 -8.59
C ILE A 131 20.80 -7.98 -7.57
N ARG A 132 22.07 -7.65 -7.34
CA ARG A 132 22.39 -6.51 -6.48
C ARG A 132 21.69 -5.25 -7.00
N LYS A 133 21.87 -4.98 -8.29
CA LYS A 133 21.27 -3.83 -8.94
C LYS A 133 19.75 -3.87 -8.89
N HIS A 134 19.15 -4.98 -9.32
CA HIS A 134 17.70 -5.12 -9.26
C HIS A 134 17.17 -4.81 -7.85
N THR A 135 17.81 -5.36 -6.83
CA THR A 135 17.36 -5.16 -5.46
C THR A 135 17.45 -3.69 -5.05
N GLN A 136 18.53 -3.04 -5.47
CA GLN A 136 18.68 -1.62 -5.18
C GLN A 136 17.60 -0.86 -5.89
N GLN A 137 17.34 -1.22 -7.15
CA GLN A 137 16.35 -0.49 -7.92
C GLN A 137 14.96 -0.71 -7.35
N LYS A 139 14.17 -1.40 -4.27
CA LYS A 139 14.04 -0.74 -2.96
C LYS A 139 13.79 0.76 -3.13
N LYS A 140 14.48 1.36 -4.10
CA LYS A 140 14.31 2.76 -4.41
C LYS A 140 12.93 3.03 -4.96
N SER A 141 12.32 2.00 -5.54
CA SER A 141 11.07 2.17 -6.25
C SER A 141 9.87 2.26 -5.32
N ILE A 142 10.00 1.66 -4.14
CA ILE A 142 8.84 1.39 -3.28
C ILE A 142 8.04 2.63 -2.89
N LYS A 143 8.74 3.64 -2.38
CA LYS A 143 8.06 4.82 -1.84
C LYS A 143 7.17 5.49 -2.89
N GLY A 144 7.66 5.60 -4.12
CA GLY A 144 6.94 6.36 -5.12
C GLY A 144 5.90 5.61 -5.95
N LEU A 145 5.68 4.33 -5.65
CA LEU A 145 4.78 3.54 -6.49
C LEU A 145 3.34 4.05 -6.56
N GLN A 146 2.80 4.48 -5.41
CA GLN A 146 1.43 4.99 -5.36
C GLN A 146 1.35 6.24 -6.23
N ARG A 147 2.33 7.11 -6.05
CA ARG A 147 2.38 8.35 -6.81
C ARG A 147 2.56 8.07 -8.32
N GLU A 148 3.24 6.96 -8.67
CA GLU A 148 3.40 6.62 -10.09
C GLU A 148 2.09 6.29 -10.76
N GLY A 149 1.11 5.88 -9.98
CA GLY A 149 -0.21 5.65 -10.52
C GLY A 149 -0.73 4.28 -10.15
N PHE A 150 0.03 3.56 -9.33
CA PHE A 150 -0.48 2.27 -8.87
C PHE A 150 -1.60 2.54 -7.87
N ARG A 151 -2.79 1.98 -8.12
CA ARG A 151 -3.97 2.19 -7.27
C ARG A 151 -3.89 1.42 -5.95
N TYR A 152 -3.27 0.25 -6.00
CA TYR A 152 -3.01 -0.55 -4.81
C TYR A 152 -1.53 -0.91 -4.83
N VAL A 153 -0.85 -0.71 -3.71
CA VAL A 153 0.55 -1.05 -3.63
C VAL A 153 0.72 -2.05 -2.51
N TYR A 154 1.13 -3.25 -2.86
CA TYR A 154 1.32 -4.32 -1.89
C TYR A 154 2.78 -4.70 -1.81
N ILE A 155 3.36 -4.48 -0.64
CA ILE A 155 4.76 -4.79 -0.44
C ILE A 155 4.88 -6.06 0.40
N LEU A 156 5.57 -7.06 -0.15
CA LEU A 156 5.77 -8.29 0.58
C LEU A 156 7.21 -8.26 1.06
N ASN A 157 7.40 -8.30 2.37
CA ASN A 157 8.69 -7.99 2.96
C ASN A 157 9.53 -9.19 3.39
N SER A 158 8.99 -10.38 3.19
CA SER A 158 9.72 -11.61 3.52
C SER A 158 9.08 -12.80 2.84
N PRO A 159 9.84 -13.90 2.67
CA PRO A 159 9.26 -15.11 2.09
C PRO A 159 8.01 -15.58 2.83
N GLU A 160 7.99 -15.40 4.14
CA GLU A 160 6.82 -15.71 4.96
C GLU A 160 5.60 -14.92 4.50
N GLU A 161 5.76 -13.62 4.36
CA GLU A 161 4.68 -12.80 3.82
C GLU A 161 4.30 -13.22 2.40
N VAL A 162 5.31 -13.46 1.56
CA VAL A 162 5.05 -13.90 0.18
C VAL A 162 4.26 -15.20 0.16
N GLU A 163 4.67 -16.13 1.02
CA GLU A 163 4.03 -17.43 1.15
C GLU A 163 2.57 -17.28 1.55
N GLU A 164 2.32 -16.38 2.51
CA GLU A 164 0.99 -16.14 3.09
C GLU A 164 -0.01 -15.53 2.13
N VAL A 165 0.47 -14.93 1.05
CA VAL A 165 -0.39 -14.15 0.17
C VAL A 165 -1.58 -14.92 -0.34
N VAL A 166 -2.77 -14.32 -0.22
CA VAL A 166 -3.92 -14.79 -0.99
C VAL A 166 -4.60 -13.59 -1.64
N PHE A 167 -4.96 -13.73 -2.92
CA PHE A 167 -5.60 -12.66 -3.65
C PHE A 167 -7.11 -12.73 -3.51
N GLU A 168 -7.73 -11.56 -3.37
CA GLU A 168 -9.17 -11.46 -3.36
C GLU A 168 -9.56 -10.61 -4.56
N ARG A 169 -10.16 -11.23 -5.57
CA ARG A 169 -10.61 -10.46 -6.73
C ARG A 169 -12.03 -9.95 -6.53
N GLN A 170 -12.15 -8.64 -6.33
CA GLN A 170 -13.45 -8.00 -6.25
C GLN A 170 -13.92 -7.58 -7.64
N PRO A 171 -14.98 -8.25 -8.13
CA PRO A 171 -15.47 -8.06 -9.49
C PRO A 171 -16.57 -7.00 -9.53
N SER B 1 -4.74 14.14 -9.27
CA SER B 1 -5.37 13.68 -8.05
C SER B 1 -4.78 12.34 -7.63
N LYS B 3 -6.12 9.08 -6.16
CA LYS B 3 -7.34 8.34 -5.87
C LYS B 3 -7.03 7.19 -4.94
N LEU B 4 -7.65 7.20 -3.77
CA LEU B 4 -7.47 6.15 -2.77
C LEU B 4 -8.79 5.42 -2.67
N THR B 5 -8.77 4.13 -2.96
CA THR B 5 -10.00 3.38 -2.95
C THR B 5 -10.25 2.89 -1.55
N ILE B 6 -11.48 3.08 -1.06
CA ILE B 6 -11.87 2.42 0.18
C ILE B 6 -13.22 1.75 0.06
N PRO B 7 -13.38 0.60 0.70
CA PRO B 7 -14.72 0.03 0.58
C PRO B 7 -15.70 0.88 1.36
N GLU B 8 -16.97 0.76 1.00
CA GLU B 8 -18.03 1.48 1.66
C GLU B 8 -18.02 1.17 3.16
N LEU B 9 -17.66 -0.08 3.51
CA LEU B 9 -17.54 -0.53 4.88
C LEU B 9 -16.09 -0.61 5.32
N SER B 10 -15.52 0.51 5.73
CA SER B 10 -14.11 0.54 6.11
C SER B 10 -13.93 1.10 7.51
N LEU B 11 -12.83 0.71 8.16
CA LEU B 11 -12.36 1.46 9.29
C LEU B 11 -11.13 2.18 8.81
N VAL B 12 -11.24 3.49 8.71
CA VAL B 12 -10.16 4.31 8.19
C VAL B 12 -9.32 4.80 9.36
N VAL B 13 -8.11 4.29 9.46
CA VAL B 13 -7.28 4.64 10.59
C VAL B 13 -6.29 5.72 10.17
N LEU B 14 -6.49 6.94 10.65
CA LEU B 14 -5.54 7.98 10.34
C LEU B 14 -4.33 7.78 11.22
N ILE B 15 -3.15 7.88 10.61
CA ILE B 15 -1.88 7.68 11.30
C ILE B 15 -0.99 8.88 11.07
N GLY B 16 -0.66 9.57 12.15
CA GLY B 16 0.14 10.76 11.99
C GLY B 16 0.40 11.50 13.28
N SER B 17 1.55 12.18 13.30
CA SER B 17 1.92 13.05 14.40
C SER B 17 0.85 14.07 14.72
N SER B 18 0.82 14.52 15.96
CA SER B 18 0.09 15.72 16.27
C SER B 18 0.55 16.79 15.27
N GLY B 19 -0.38 17.58 14.76
CA GLY B 19 -0.05 18.61 13.81
C GLY B 19 0.08 18.19 12.35
N SER B 20 -0.05 16.89 12.08
CA SER B 20 0.11 16.38 10.71
C SER B 20 -1.15 16.63 9.88
N GLY B 21 -2.23 17.06 10.55
CA GLY B 21 -3.41 17.48 9.83
C GLY B 21 -4.47 16.42 9.73
N LYS B 22 -4.44 15.46 10.65
CA LYS B 22 -5.41 14.36 10.63
C LYS B 22 -6.85 14.88 10.71
N SER B 23 -7.11 15.77 11.66
CA SER B 23 -8.47 16.20 11.87
C SER B 23 -8.94 17.07 10.73
N THR B 24 -8.03 17.90 10.23
CA THR B 24 -8.34 18.73 9.08
C THR B 24 -8.70 17.86 7.89
N PHE B 25 -7.94 16.80 7.70
CA PHE B 25 -8.15 15.91 6.56
C PHE B 25 -9.47 15.20 6.77
N ALA B 26 -9.71 14.74 7.99
CA ALA B 26 -10.94 14.04 8.32
C ALA B 26 -12.17 14.89 8.04
N LYS B 27 -12.09 16.18 8.37
CA LYS B 27 -13.22 17.10 8.18
C LYS B 27 -13.43 17.39 6.69
N LYS B 28 -12.36 17.44 5.92
CA LYS B 28 -12.49 17.63 4.48
C LYS B 28 -13.08 16.40 3.78
N HIS B 29 -12.68 15.21 4.22
CA HIS B 29 -13.00 14.02 3.45
C HIS B 29 -14.18 13.20 3.94
N PHE B 30 -14.59 13.37 5.19
CA PHE B 30 -15.60 12.49 5.75
C PHE B 30 -16.67 13.29 6.48
N LYS B 31 -17.81 12.65 6.74
CA LYS B 31 -18.90 13.29 7.47
C LYS B 31 -18.54 13.34 8.93
N PRO B 32 -18.98 14.40 9.64
CA PRO B 32 -18.60 14.62 11.04
C PRO B 32 -18.91 13.41 11.94
N THR B 33 -20.02 12.75 11.67
CA THR B 33 -20.41 11.62 12.52
C THR B 33 -19.63 10.35 12.19
N GLU B 34 -18.99 10.34 11.03
CA GLU B 34 -18.11 9.22 10.65
C GLU B 34 -16.80 9.22 11.41
N VAL B 35 -16.46 10.39 11.96
CA VAL B 35 -15.16 10.61 12.58
C VAL B 35 -15.22 10.54 14.10
N ILE B 36 -14.49 9.57 14.67
CA ILE B 36 -14.37 9.46 16.12
C ILE B 36 -12.95 9.81 16.50
N SER B 37 -12.78 10.88 17.27
CA SER B 37 -11.43 11.33 17.62
C SER B 37 -11.11 11.02 19.06
N SER B 38 -9.81 10.90 19.34
CA SER B 38 -9.36 10.69 20.69
C SER B 38 -9.65 11.92 21.56
N ASP B 39 -9.55 13.12 20.99
CA ASP B 39 -9.89 14.34 21.75
C ASP B 39 -11.33 14.26 22.21
N PHE B 40 -12.21 13.79 21.33
CA PHE B 40 -13.60 13.71 21.67
C PHE B 40 -13.83 12.71 22.80
N CYS B 41 -13.20 11.55 22.70
CA CYS B 41 -13.39 10.52 23.71
C CYS B 41 -12.83 10.89 25.06
N ARG B 42 -11.67 11.54 25.07
CA ARG B 42 -11.11 12.08 26.32
C ARG B 42 -12.07 13.08 26.94
N GLY B 43 -12.68 13.89 26.08
CA GLY B 43 -13.60 14.92 26.54
C GLY B 43 -14.80 14.34 27.25
N LEU B 44 -15.16 13.11 26.90
CA LEU B 44 -16.28 12.46 27.59
C LEU B 44 -15.88 12.01 29.00
N SER B 46 -13.29 13.70 30.86
CA SER B 46 -12.84 14.85 31.64
C SER B 46 -12.88 16.14 30.82
N ASP B 47 -13.31 17.23 31.44
CA ASP B 47 -13.26 18.55 30.80
C ASP B 47 -11.88 19.18 30.98
N ASP B 48 -11.05 18.55 31.80
CA ASP B 48 -9.66 18.93 31.99
C ASP B 48 -8.81 18.24 30.91
N GLU B 49 -8.41 18.98 29.89
CA GLU B 49 -7.68 18.39 28.76
C GLU B 49 -6.38 17.69 29.16
N ASN B 50 -5.61 18.33 30.04
CA ASN B 50 -4.32 17.78 30.46
C ASN B 50 -4.42 16.69 31.52
N ASP B 51 -5.58 16.02 31.60
CA ASP B 51 -5.76 14.93 32.56
C ASP B 51 -5.30 13.60 31.96
N GLN B 52 -4.08 13.22 32.27
CA GLN B 52 -3.47 12.01 31.71
C GLN B 52 -3.98 10.73 32.36
N THR B 53 -4.82 10.88 33.37
CA THR B 53 -5.36 9.73 34.08
C THR B 53 -6.53 9.08 33.32
N VAL B 54 -7.20 9.87 32.48
CA VAL B 54 -8.36 9.38 31.73
C VAL B 54 -8.01 8.77 30.38
N THR B 55 -6.74 8.83 30.00
CA THR B 55 -6.31 8.38 28.67
C THR B 55 -6.68 6.91 28.36
N GLY B 56 -6.58 6.03 29.35
CA GLY B 56 -6.90 4.62 29.15
C GLY B 56 -8.37 4.40 28.88
N ALA B 57 -9.20 5.06 29.67
CA ALA B 57 -10.63 4.92 29.56
C ALA B 57 -11.10 5.51 28.23
N ALA B 58 -10.49 6.63 27.85
CA ALA B 58 -10.76 7.25 26.57
C ALA B 58 -10.44 6.33 25.39
N PHE B 59 -9.31 5.61 25.46
CA PHE B 59 -9.00 4.60 24.45
C PHE B 59 -10.12 3.57 24.44
N ASP B 60 -10.47 3.09 25.63
CA ASP B 60 -11.51 2.07 25.75
C ASP B 60 -12.83 2.56 25.16
N VAL B 61 -13.16 3.81 25.47
CA VAL B 61 -14.39 4.42 24.97
C VAL B 61 -14.30 4.61 23.44
N LEU B 62 -13.14 5.01 22.93
CA LEU B 62 -12.95 5.14 21.48
CA LEU B 62 -13.00 5.15 21.48
C LEU B 62 -13.18 3.80 20.80
N HIS B 63 -12.58 2.75 21.37
CA HIS B 63 -12.65 1.43 20.76
C HIS B 63 -14.08 0.95 20.74
N TYR B 64 -14.78 1.21 21.84
CA TYR B 64 -16.15 0.72 21.98
C TYR B 64 -17.08 1.42 20.99
N ILE B 65 -16.99 2.74 20.90
CA ILE B 65 -17.83 3.49 19.97
C ILE B 65 -17.57 3.05 18.52
N VAL B 66 -16.31 2.90 18.17
CA VAL B 66 -15.94 2.38 16.86
C VAL B 66 -16.53 0.98 16.63
N SER B 67 -16.43 0.12 17.64
CA SER B 67 -16.93 -1.25 17.55
C SER B 67 -18.41 -1.20 17.22
N LYS B 68 -19.16 -0.40 17.98
CA LYS B 68 -20.62 -0.33 17.78
C LYS B 68 -20.98 0.27 16.41
N ARG B 69 -20.23 1.29 15.95
CA ARG B 69 -20.47 1.81 14.60
C ARG B 69 -20.25 0.79 13.48
N LEU B 70 -19.12 0.09 13.55
CA LEU B 70 -18.74 -0.88 12.53
C LEU B 70 -19.74 -2.02 12.58
N GLN B 71 -20.14 -2.38 13.80
CA GLN B 71 -21.17 -3.39 14.00
C GLN B 71 -22.43 -3.03 13.23
N LEU B 72 -22.77 -1.75 13.23
CA LEU B 72 -23.91 -1.24 12.47
C LEU B 72 -23.56 -1.03 11.00
N GLY B 73 -22.34 -1.38 10.61
CA GLY B 73 -21.93 -1.29 9.22
C GLY B 73 -21.68 0.14 8.79
N LYS B 74 -21.26 0.98 9.72
CA LYS B 74 -21.08 2.39 9.41
C LYS B 74 -19.60 2.72 9.30
N LEU B 75 -19.18 3.17 8.13
CA LEU B 75 -17.79 3.55 7.90
C LEU B 75 -17.39 4.47 9.03
N THR B 76 -16.20 4.24 9.55
CA THR B 76 -15.74 5.01 10.68
C THR B 76 -14.28 5.38 10.44
N VAL B 77 -13.95 6.60 10.84
CA VAL B 77 -12.59 7.09 10.76
C VAL B 77 -12.10 7.30 12.17
N VAL B 78 -10.91 6.77 12.48
CA VAL B 78 -10.32 7.00 13.77
C VAL B 78 -9.35 8.16 13.67
N ASP B 79 -9.72 9.27 14.27
CA ASP B 79 -8.90 10.45 14.23
C ASP B 79 -8.08 10.49 15.52
N ALA B 80 -6.95 9.80 15.49
CA ALA B 80 -6.07 9.78 16.63
C ALA B 80 -4.69 9.60 16.02
N THR B 81 -3.65 9.81 16.81
CA THR B 81 -2.30 9.78 16.27
C THR B 81 -2.00 8.40 15.69
N ASN B 82 -2.33 7.37 16.44
CA ASN B 82 -2.19 5.98 16.01
C ASN B 82 -0.79 5.58 15.58
N VAL B 83 0.23 6.26 16.11
CA VAL B 83 1.59 6.00 15.66
C VAL B 83 2.27 4.86 16.44
N GLN B 84 1.58 4.35 17.47
CA GLN B 84 2.06 3.19 18.22
C GLN B 84 1.29 1.96 17.78
N GLU B 85 2.02 0.86 17.59
CA GLU B 85 1.43 -0.40 17.18
C GLU B 85 0.35 -0.81 18.16
N SER B 86 0.58 -0.52 19.45
CA SER B 86 -0.34 -0.94 20.49
C SER B 86 -1.70 -0.25 20.31
N ALA B 87 -1.70 0.93 19.69
CA ALA B 87 -2.98 1.61 19.45
C ALA B 87 -3.66 1.06 18.22
N ARG B 88 -2.87 0.61 17.26
CA ARG B 88 -3.45 0.14 15.99
C ARG B 88 -4.01 -1.25 16.13
N LYS B 89 -3.36 -2.05 16.95
CA LYS B 89 -3.73 -3.45 17.11
C LYS B 89 -5.21 -3.68 17.47
N PRO B 90 -5.72 -3.01 18.53
CA PRO B 90 -7.15 -3.25 18.78
C PRO B 90 -8.07 -2.73 17.65
N LEU B 91 -7.65 -1.72 16.89
CA LEU B 91 -8.53 -1.21 15.85
C LEU B 91 -8.64 -2.25 14.75
N ILE B 92 -7.51 -2.84 14.40
CA ILE B 92 -7.51 -3.88 13.39
C ILE B 92 -8.39 -5.05 13.78
N GLU B 93 -8.31 -5.44 15.05
CA GLU B 93 -9.12 -6.55 15.55
C GLU B 93 -10.58 -6.18 15.49
N ILE B 94 -10.88 -4.94 15.84
CA ILE B 94 -12.26 -4.50 15.78
C ILE B 94 -12.73 -4.59 14.34
N ALA B 95 -11.92 -4.07 13.42
CA ALA B 95 -12.30 -4.07 12.02
C ALA B 95 -12.56 -5.50 11.55
N LYS B 96 -11.66 -6.40 11.91
CA LYS B 96 -11.83 -7.77 11.45
C LYS B 96 -13.01 -8.45 12.15
N ASP B 97 -13.25 -8.11 13.43
CA ASP B 97 -14.38 -8.66 14.17
C ASP B 97 -15.70 -8.42 13.43
N TYR B 98 -15.86 -7.22 12.90
CA TYR B 98 -17.11 -6.86 12.26
C TYR B 98 -16.97 -6.85 10.74
N HIS B 99 -16.00 -7.61 10.25
CA HIS B 99 -15.78 -7.81 8.82
C HIS B 99 -15.71 -6.51 8.03
N CYS B 100 -14.96 -5.55 8.55
CA CYS B 100 -14.69 -4.32 7.81
C CYS B 100 -13.24 -4.37 7.35
N PHE B 101 -12.93 -3.61 6.31
CA PHE B 101 -11.55 -3.43 5.86
C PHE B 101 -10.85 -2.35 6.68
N PRO B 102 -9.79 -2.72 7.41
CA PRO B 102 -9.01 -1.65 8.02
C PRO B 102 -8.12 -0.99 6.97
N VAL B 103 -8.18 0.33 6.92
CA VAL B 103 -7.41 1.07 5.94
C VAL B 103 -6.49 2.01 6.70
N ALA B 104 -5.22 2.01 6.35
CA ALA B 104 -4.29 2.93 6.98
C ALA B 104 -4.06 4.13 6.07
N VAL B 105 -4.24 5.33 6.61
CA VAL B 105 -3.91 6.53 5.85
C VAL B 105 -2.85 7.23 6.65
N VAL B 106 -1.64 7.21 6.12
CA VAL B 106 -0.49 7.68 6.85
C VAL B 106 -0.03 9.03 6.35
N PHE B 107 0.05 9.96 7.30
CA PHE B 107 0.52 11.32 7.06
C PHE B 107 2.02 11.36 7.22
N ASN B 108 2.69 10.92 6.17
CA ASN B 108 4.13 10.78 6.22
C ASN B 108 4.77 12.12 5.87
N LEU B 109 4.51 13.12 6.70
CA LEU B 109 5.04 14.46 6.50
C LEU B 109 6.27 14.66 7.39
N PRO B 110 7.14 15.59 6.98
CA PRO B 110 8.34 15.83 7.79
C PRO B 110 7.99 16.39 9.17
N GLU B 111 8.83 16.14 10.17
CA GLU B 111 8.57 16.65 11.51
C GLU B 111 8.43 18.16 11.51
N LYS B 112 9.23 18.84 10.69
CA LYS B 112 9.22 20.30 10.68
C LYS B 112 7.84 20.85 10.31
N VAL B 113 7.18 20.21 9.35
CA VAL B 113 5.88 20.64 8.87
C VAL B 113 4.88 20.57 10.03
N CYS B 114 4.93 19.48 10.78
CA CYS B 114 4.03 19.30 11.93
C CYS B 114 4.37 20.27 13.05
N GLN B 115 5.66 20.44 13.31
CA GLN B 115 6.07 21.37 14.35
C GLN B 115 5.57 22.78 14.06
N GLU B 116 5.70 23.22 12.80
CA GLU B 116 5.25 24.56 12.43
C GLU B 116 3.74 24.77 12.50
N ARG B 117 2.97 23.80 12.01
CA ARG B 117 1.52 23.88 12.14
C ARG B 117 1.11 23.95 13.61
N ASN B 118 1.78 23.13 14.43
CA ASN B 118 1.55 23.12 15.85
C ASN B 118 1.71 24.52 16.47
N LYS B 119 2.85 25.15 16.20
CA LYS B 119 3.12 26.49 16.72
C LYS B 119 2.08 27.48 16.25
N ASN B 120 1.56 27.27 15.03
CA ASN B 120 0.60 28.20 14.45
C ASN B 120 -0.83 27.91 14.81
N ARG B 121 -1.05 26.88 15.63
CA ARG B 121 -2.38 26.46 16.03
C ARG B 121 -2.93 27.40 17.07
N THR B 122 -4.21 27.74 16.94
CA THR B 122 -4.88 28.59 17.91
C THR B 122 -5.84 27.79 18.79
N ASP B 123 -6.17 26.57 18.38
CA ASP B 123 -7.15 25.77 19.14
C ASP B 123 -6.54 25.14 20.38
N ARG B 124 -5.54 24.28 20.17
CA ARG B 124 -4.81 23.68 21.27
C ARG B 124 -3.46 23.22 20.73
N GLN B 125 -2.44 23.19 21.58
CA GLN B 125 -1.10 22.82 21.12
C GLN B 125 -0.51 21.71 21.96
N VAL B 126 0.53 21.05 21.44
CA VAL B 126 1.28 20.07 22.22
C VAL B 126 2.69 20.60 22.31
N GLU B 127 3.49 20.03 23.20
CA GLU B 127 4.87 20.43 23.31
C GLU B 127 5.67 19.81 22.17
N GLU B 128 6.77 20.47 21.80
CA GLU B 128 7.55 20.04 20.64
C GLU B 128 8.07 18.60 20.77
N TYR B 129 8.39 18.17 21.99
CA TYR B 129 8.90 16.82 22.17
C TYR B 129 7.86 15.78 21.75
N VAL B 130 6.58 16.11 21.90
CA VAL B 130 5.51 15.18 21.57
C VAL B 130 5.52 14.85 20.07
N ILE B 131 5.72 15.88 19.25
CA ILE B 131 5.67 15.75 17.80
C ILE B 131 6.91 15.07 17.27
N ARG B 132 8.06 15.37 17.87
CA ARG B 132 9.29 14.68 17.54
C ARG B 132 9.10 13.18 17.74
N LYS B 133 8.52 12.81 18.87
CA LYS B 133 8.37 11.39 19.16
C LYS B 133 7.34 10.76 18.23
N HIS B 134 6.22 11.45 18.04
CA HIS B 134 5.18 10.98 17.14
C HIS B 134 5.78 10.71 15.76
N THR B 135 6.55 11.67 15.24
CA THR B 135 7.06 11.55 13.87
C THR B 135 7.96 10.31 13.70
N GLN B 136 8.84 10.10 14.69
CA GLN B 136 9.71 8.92 14.70
C GLN B 136 8.89 7.65 14.76
N GLN B 137 7.89 7.64 15.64
CA GLN B 137 6.96 6.52 15.75
C GLN B 137 6.19 6.28 14.45
N LYS B 139 7.08 7.06 11.44
CA LYS B 139 8.01 6.53 10.45
C LYS B 139 8.35 5.06 10.67
N LYS B 140 8.54 4.67 11.93
CA LYS B 140 8.88 3.29 12.24
C LYS B 140 7.73 2.34 11.95
N SER B 141 6.53 2.90 11.79
CA SER B 141 5.33 2.10 11.65
C SER B 141 5.05 1.76 10.20
N ILE B 142 5.51 2.58 9.27
CA ILE B 142 5.07 2.43 7.88
C ILE B 142 5.27 1.01 7.29
N LYS B 143 6.50 0.52 7.34
CA LYS B 143 6.83 -0.75 6.70
C LYS B 143 5.90 -1.90 7.13
N GLY B 144 5.52 -1.92 8.40
CA GLY B 144 4.81 -3.06 8.95
C GLY B 144 3.30 -3.02 8.86
N LEU B 145 2.75 -1.94 8.31
CA LEU B 145 1.30 -1.75 8.40
C LEU B 145 0.52 -2.86 7.73
N GLN B 146 0.95 -3.25 6.53
CA GLN B 146 0.23 -4.29 5.81
C GLN B 146 0.25 -5.60 6.61
N ARG B 147 1.42 -5.94 7.15
CA ARG B 147 1.55 -7.12 7.99
C ARG B 147 0.68 -7.01 9.25
N GLU B 148 0.45 -5.79 9.75
CA GLU B 148 -0.40 -5.61 10.93
C GLU B 148 -1.84 -6.01 10.67
N GLY B 149 -2.26 -5.98 9.40
CA GLY B 149 -3.61 -6.41 9.08
C GLY B 149 -4.36 -5.39 8.26
N PHE B 150 -3.77 -4.21 8.06
CA PHE B 150 -4.40 -3.22 7.18
C PHE B 150 -4.49 -3.78 5.77
N ARG B 151 -5.70 -3.76 5.21
CA ARG B 151 -5.93 -4.35 3.90
C ARG B 151 -5.48 -3.41 2.79
N TYR B 152 -5.61 -2.11 3.04
CA TYR B 152 -5.08 -1.10 2.13
C TYR B 152 -4.20 -0.14 2.90
N VAL B 153 -2.99 0.07 2.40
CA VAL B 153 -2.10 0.98 3.08
C VAL B 153 -1.76 2.15 2.11
N TYR B 154 -2.14 3.34 2.50
CA TYR B 154 -1.94 4.55 1.67
C TYR B 154 -1.03 5.49 2.42
N ILE B 155 0.17 5.67 1.88
CA ILE B 155 1.13 6.54 2.50
C ILE B 155 1.14 7.85 1.72
N LEU B 156 0.82 8.92 2.42
CA LEU B 156 0.86 10.25 1.83
C LEU B 156 2.18 10.91 2.21
N ASN B 157 3.03 11.15 1.22
CA ASN B 157 4.42 11.52 1.45
C ASN B 157 4.75 13.01 1.46
N SER B 158 3.75 13.85 1.23
CA SER B 158 3.98 15.28 1.21
C SER B 158 2.64 16.00 1.40
N PRO B 159 2.68 17.29 1.76
CA PRO B 159 1.44 18.08 1.80
C PRO B 159 0.68 18.03 0.48
N GLU B 160 1.38 18.06 -0.65
CA GLU B 160 0.69 18.13 -1.94
C GLU B 160 -0.03 16.82 -2.21
N GLU B 161 0.59 15.71 -1.83
CA GLU B 161 -0.08 14.43 -1.98
C GLU B 161 -1.32 14.36 -1.10
N VAL B 162 -1.21 14.82 0.15
CA VAL B 162 -2.35 14.89 1.07
C VAL B 162 -3.48 15.73 0.45
N GLU B 163 -3.11 16.91 -0.06
CA GLU B 163 -4.08 17.79 -0.69
C GLU B 163 -4.77 17.13 -1.88
N GLU B 164 -4.05 16.31 -2.63
CA GLU B 164 -4.59 15.76 -3.87
C GLU B 164 -5.44 14.53 -3.68
N VAL B 165 -5.58 14.08 -2.43
CA VAL B 165 -6.32 12.85 -2.16
C VAL B 165 -7.78 12.97 -2.53
N VAL B 166 -8.28 12.01 -3.31
CA VAL B 166 -9.72 11.83 -3.42
C VAL B 166 -10.04 10.38 -3.10
N PHE B 167 -10.97 10.18 -2.17
CA PHE B 167 -11.41 8.83 -1.86
C PHE B 167 -12.43 8.43 -2.90
N GLU B 168 -12.30 7.20 -3.36
CA GLU B 168 -13.35 6.59 -4.16
C GLU B 168 -13.89 5.44 -3.32
N ARG B 169 -15.11 5.56 -2.82
CA ARG B 169 -15.73 4.46 -2.08
C ARG B 169 -16.38 3.49 -3.06
N GLN B 170 -15.57 2.89 -3.93
CA GLN B 170 -16.12 1.97 -4.92
C GLN B 170 -16.74 0.73 -4.27
N PRO B 171 -15.93 -0.12 -3.60
CA PRO B 171 -16.57 -1.32 -3.04
C PRO B 171 -17.49 -0.98 -1.87
#